data_8XT8
#
_entry.id   8XT8
#
_cell.length_a   97.602
_cell.length_b   69.807
_cell.length_c   94.659
_cell.angle_alpha   90.00
_cell.angle_beta   116.41
_cell.angle_gamma   90.00
#
_symmetry.space_group_name_H-M   'P 1 21 1'
#
loop_
_entity.id
_entity.type
_entity.pdbx_description
1 polymer 'MarR family transcriptional regulator'
2 polymer 'MarR family transcriptional regulator'
3 non-polymer 'MERCURY (II) ION'
4 water water
#
loop_
_entity_poly.entity_id
_entity_poly.type
_entity_poly.pdbx_seq_one_letter_code
_entity_poly.pdbx_strand_id
1 'polypeptide(L)'
;GSHMKDFEKLYEATTKLVSTSLKVKDDLKKMFKQNGYDITTDHYALLRFLWEQDGISQIDLCEKSCKDKSNTTRILDVMK
NKGLIVRKVDVKDRRKFQIFLTDLGRELEEPLNEIASIYATETFKSISDEELPLFTDILDRIGK
;
A,C,D
2 'polypeptide(L)'
;MGSSHHHHHHSSGLVPRGSHMKDFEKLYEATTKLVSTSLKVKDDLKKMFKQNGYDITTDHYALLRFLWEQDGISQIDLCE
KSCKDKSNTTRILDVMKNKGLIVRKVDVKDRRKFQIFLTDLGRELEEPLNEIASIYATETFKSISDEELPLFTDILDRIG
K
;
B
#
loop_
_chem_comp.id
_chem_comp.type
_chem_comp.name
_chem_comp.formula
HG non-polymer 'MERCURY (II) ION' 'Hg 2'
#
# COMPACT_ATOMS: atom_id res chain seq x y z
N LYS A 5 -1.58 14.69 -6.45
CA LYS A 5 -2.47 15.09 -7.53
C LYS A 5 -3.35 16.27 -7.22
N ASP A 6 -2.89 17.22 -6.42
CA ASP A 6 -1.55 17.36 -5.94
C ASP A 6 -1.68 17.37 -4.44
N PHE A 7 -0.58 17.18 -3.74
CA PHE A 7 -0.61 16.94 -2.33
C PHE A 7 -1.52 17.87 -1.58
N GLU A 8 -1.51 19.12 -1.95
CA GLU A 8 -2.32 20.09 -1.25
C GLU A 8 -3.79 19.71 -1.35
N LYS A 9 -4.22 19.36 -2.54
CA LYS A 9 -5.55 18.91 -2.76
C LYS A 9 -5.79 17.60 -2.01
N LEU A 10 -4.85 16.68 -2.06
CA LEU A 10 -5.06 15.39 -1.43
C LEU A 10 -5.19 15.50 0.05
N TYR A 11 -4.41 16.40 0.62
CA TYR A 11 -4.41 16.58 2.05
C TYR A 11 -5.73 17.23 2.47
N GLU A 12 -6.22 18.13 1.63
CA GLU A 12 -7.47 18.83 1.89
C GLU A 12 -8.62 17.85 1.82
N ALA A 13 -8.62 16.97 0.85
CA ALA A 13 -9.65 15.96 0.85
C ALA A 13 -9.60 15.08 2.13
N THR A 14 -8.40 14.66 2.54
CA THR A 14 -8.22 13.80 3.69
C THR A 14 -8.74 14.43 4.98
N THR A 15 -8.42 15.67 5.16
CA THR A 15 -8.92 16.49 6.23
C THR A 15 -10.42 16.62 6.25
N LYS A 16 -11.04 16.81 5.08
CA LYS A 16 -12.46 17.03 5.03
C LYS A 16 -13.13 15.68 5.34
N LEU A 17 -12.50 14.62 4.89
CA LEU A 17 -13.01 13.34 5.09
C LEU A 17 -13.08 13.11 6.59
N VAL A 18 -11.98 13.40 7.26
CA VAL A 18 -11.83 13.15 8.68
C VAL A 18 -12.67 14.14 9.55
N SER A 19 -12.69 15.47 9.30
CA SER A 19 -13.69 16.38 9.96
C SER A 19 -15.12 15.88 9.85
N THR A 20 -15.53 15.55 8.63
CA THR A 20 -16.89 15.20 8.34
C THR A 20 -17.29 13.97 9.12
N SER A 21 -16.43 12.99 9.10
CA SER A 21 -16.67 11.82 9.86
C SER A 21 -16.91 12.20 11.33
N LEU A 22 -16.05 13.01 11.91
CA LEU A 22 -16.14 13.31 13.32
C LEU A 22 -17.40 14.05 13.61
N LYS A 23 -17.68 15.06 12.81
CA LYS A 23 -18.88 15.83 12.95
C LYS A 23 -20.11 14.87 12.84
N VAL A 24 -20.10 13.93 11.91
CA VAL A 24 -21.23 13.07 11.78
C VAL A 24 -21.43 12.27 13.02
N LYS A 25 -20.37 11.65 13.52
CA LYS A 25 -20.45 10.80 14.68
C LYS A 25 -20.91 11.59 15.91
N ASP A 26 -20.48 12.82 15.98
CA ASP A 26 -20.61 13.61 17.19
C ASP A 26 -22.02 14.20 17.27
N ASP A 27 -22.56 14.61 16.13
CA ASP A 27 -23.92 15.10 16.07
C ASP A 27 -24.93 14.00 16.27
N LEU A 28 -24.71 12.80 15.79
CA LEU A 28 -25.67 11.72 16.04
C LEU A 28 -25.67 11.37 17.51
N LYS A 29 -24.51 11.37 18.12
CA LYS A 29 -24.42 11.08 19.56
C LYS A 29 -25.22 12.11 20.30
N LYS A 30 -25.05 13.38 19.96
CA LYS A 30 -25.74 14.45 20.66
C LYS A 30 -27.22 14.28 20.51
N MET A 31 -27.67 13.96 19.32
CA MET A 31 -29.06 13.79 19.13
C MET A 31 -29.63 12.62 19.94
N PHE A 32 -28.87 11.57 20.17
CA PHE A 32 -29.38 10.50 20.99
C PHE A 32 -29.50 11.03 22.43
N LYS A 33 -28.56 11.85 22.87
CA LYS A 33 -28.53 12.40 24.24
C LYS A 33 -29.71 13.33 24.49
N GLN A 34 -29.91 14.25 23.58
CA GLN A 34 -31.01 15.14 23.60
C GLN A 34 -32.34 14.45 23.75
N ASN A 35 -32.51 13.26 23.18
CA ASN A 35 -33.74 12.49 23.38
C ASN A 35 -33.63 11.56 24.56
N GLY A 36 -32.59 11.75 25.35
CA GLY A 36 -32.47 10.96 26.57
C GLY A 36 -31.80 9.60 26.49
N TYR A 37 -31.15 9.29 25.39
CA TYR A 37 -30.48 8.00 25.26
C TYR A 37 -28.98 8.25 25.32
N ASP A 38 -28.30 7.64 26.30
CA ASP A 38 -26.91 7.91 26.53
C ASP A 38 -26.14 6.83 25.79
N ILE A 39 -26.11 6.94 24.48
CA ILE A 39 -25.39 5.99 23.68
C ILE A 39 -24.59 6.72 22.68
N THR A 40 -23.60 6.00 22.17
CA THR A 40 -22.75 6.49 21.10
C THR A 40 -23.12 5.86 19.78
N THR A 41 -22.64 6.53 18.75
CA THR A 41 -22.58 5.99 17.43
C THR A 41 -22.05 4.58 17.38
N ASP A 42 -20.99 4.26 18.13
CA ASP A 42 -20.45 2.89 18.10
C ASP A 42 -21.45 1.94 18.61
N HIS A 43 -22.06 2.25 19.74
CA HIS A 43 -23.14 1.41 20.29
C HIS A 43 -24.29 1.17 19.31
N TYR A 44 -24.69 2.25 18.61
CA TYR A 44 -25.75 2.15 17.60
C TYR A 44 -25.34 1.18 16.47
N ALA A 45 -24.13 1.31 15.98
CA ALA A 45 -23.69 0.45 14.83
C ALA A 45 -23.68 -0.98 15.26
N LEU A 46 -23.22 -1.20 16.47
CA LEU A 46 -23.20 -2.58 16.98
C LEU A 46 -24.60 -3.16 17.12
N LEU A 47 -25.47 -2.36 17.70
CA LEU A 47 -26.84 -2.80 17.86
C LEU A 47 -27.50 -3.06 16.49
N ARG A 48 -27.20 -2.22 15.50
CA ARG A 48 -27.75 -2.51 14.18
C ARG A 48 -27.37 -3.89 13.70
N PHE A 49 -26.12 -4.34 13.94
CA PHE A 49 -25.78 -5.68 13.47
C PHE A 49 -26.63 -6.68 14.17
N LEU A 50 -26.79 -6.49 15.47
CA LEU A 50 -27.55 -7.49 16.23
C LEU A 50 -29.02 -7.52 15.87
N TRP A 51 -29.61 -6.37 15.52
CA TRP A 51 -31.04 -6.37 15.18
C TRP A 51 -31.25 -7.16 13.89
N GLU A 52 -30.29 -7.09 12.95
CA GLU A 52 -30.24 -7.99 11.79
C GLU A 52 -30.09 -9.41 12.25
N GLN A 53 -29.06 -9.66 13.05
CA GLN A 53 -28.66 -11.02 13.37
C GLN A 53 -28.19 -11.13 14.84
N ASP A 54 -29.01 -11.75 15.68
CA ASP A 54 -28.67 -11.95 17.11
C ASP A 54 -27.77 -13.17 17.38
N GLY A 55 -26.86 -13.09 18.33
CA GLY A 55 -26.01 -14.26 18.63
C GLY A 55 -24.73 -14.26 17.81
N ILE A 56 -24.43 -13.14 17.17
CA ILE A 56 -23.19 -12.97 16.48
C ILE A 56 -22.07 -13.31 17.45
N SER A 57 -21.03 -13.96 16.97
CA SER A 57 -19.81 -14.19 17.74
C SER A 57 -19.03 -12.88 17.89
N GLN A 58 -18.32 -12.73 19.00
CA GLN A 58 -17.50 -11.52 19.22
C GLN A 58 -16.49 -11.27 18.11
N ILE A 59 -15.91 -12.36 17.61
CA ILE A 59 -14.90 -12.29 16.55
C ILE A 59 -15.63 -11.86 15.29
N ASP A 60 -16.77 -12.47 15.07
CA ASP A 60 -17.59 -12.08 13.96
C ASP A 60 -17.84 -10.56 14.01
N LEU A 61 -18.23 -10.01 15.18
CA LEU A 61 -18.37 -8.53 15.34
C LEU A 61 -17.08 -7.68 15.28
N CYS A 62 -15.90 -8.28 15.55
CA CYS A 62 -14.56 -7.70 15.21
C CYS A 62 -14.58 -7.32 13.75
N GLU A 63 -14.82 -8.37 12.96
CA GLU A 63 -14.66 -8.33 11.53
C GLU A 63 -15.60 -7.25 11.04
N LYS A 64 -16.89 -7.39 11.37
CA LYS A 64 -17.91 -6.46 10.87
C LYS A 64 -17.64 -5.02 11.37
N SER A 65 -17.21 -4.91 12.62
CA SER A 65 -17.00 -3.63 13.27
C SER A 65 -15.90 -2.87 12.56
N CYS A 66 -14.71 -3.43 12.63
CA CYS A 66 -13.41 -2.76 12.35
C CYS A 66 -12.71 -2.74 13.71
N LYS A 67 -12.19 -1.56 14.10
CA LYS A 67 -11.61 -1.35 15.42
C LYS A 67 -10.36 -2.27 15.57
N ASP A 68 -9.88 -2.42 16.80
CA ASP A 68 -8.98 -3.53 17.16
C ASP A 68 -9.83 -4.44 18.01
N LYS A 69 -9.26 -5.54 18.50
CA LYS A 69 -10.00 -6.48 19.34
C LYS A 69 -10.14 -5.91 20.73
N SER A 70 -9.19 -5.06 21.08
CA SER A 70 -9.22 -4.39 22.36
C SER A 70 -10.43 -3.43 22.40
N ASN A 71 -10.50 -2.51 21.44
CA ASN A 71 -11.52 -1.45 21.42
C ASN A 71 -12.95 -1.95 21.35
N THR A 72 -13.27 -2.78 20.36
CA THR A 72 -14.55 -3.48 20.23
C THR A 72 -15.02 -4.13 21.55
N THR A 73 -14.12 -4.79 22.25
CA THR A 73 -14.47 -5.56 23.47
C THR A 73 -14.85 -4.62 24.64
N ARG A 74 -14.10 -3.54 24.74
CA ARG A 74 -14.37 -2.45 25.64
C ARG A 74 -15.73 -1.78 25.29
N ILE A 75 -16.01 -1.54 24.01
CA ILE A 75 -17.29 -0.96 23.62
C ILE A 75 -18.41 -1.97 24.02
N LEU A 76 -18.19 -3.25 23.76
CA LEU A 76 -19.18 -4.23 24.14
C LEU A 76 -19.40 -4.35 25.67
N ASP A 77 -18.38 -4.05 26.49
CA ASP A 77 -18.57 -4.14 27.97
C ASP A 77 -19.40 -2.95 28.43
N VAL A 78 -19.09 -1.78 27.86
CA VAL A 78 -19.91 -0.60 28.09
C VAL A 78 -21.36 -0.94 27.71
N MET A 79 -21.59 -1.70 26.64
CA MET A 79 -22.96 -1.96 26.23
C MET A 79 -23.68 -2.90 27.16
N LYS A 80 -22.99 -3.96 27.56
CA LYS A 80 -23.46 -4.92 28.56
C LYS A 80 -23.82 -4.23 29.87
N ASN A 81 -22.98 -3.30 30.28
CA ASN A 81 -23.15 -2.57 31.54
C ASN A 81 -24.34 -1.60 31.52
N LYS A 82 -24.73 -1.12 30.31
CA LYS A 82 -25.95 -0.37 30.11
C LYS A 82 -27.13 -1.30 29.92
N GLY A 83 -26.91 -2.59 29.94
CA GLY A 83 -28.03 -3.56 29.85
C GLY A 83 -28.51 -3.97 28.48
N LEU A 84 -27.86 -3.51 27.41
CA LEU A 84 -28.31 -3.76 26.00
C LEU A 84 -28.08 -5.22 25.49
N ILE A 85 -26.97 -5.81 25.90
CA ILE A 85 -26.50 -7.09 25.36
C ILE A 85 -25.94 -7.93 26.46
N VAL A 86 -25.98 -9.24 26.27
CA VAL A 86 -25.33 -10.16 27.19
C VAL A 86 -24.36 -11.02 26.43
N ARG A 87 -23.48 -11.65 27.18
CA ARG A 87 -22.35 -12.33 26.61
C ARG A 87 -22.36 -13.78 27.09
N LYS A 88 -22.44 -14.73 26.17
CA LYS A 88 -22.50 -16.13 26.56
C LYS A 88 -21.26 -16.82 26.07
N VAL A 89 -20.91 -17.91 26.77
CA VAL A 89 -19.82 -18.75 26.33
C VAL A 89 -20.52 -19.80 25.45
N ASP A 90 -19.91 -20.12 24.31
CA ASP A 90 -20.59 -20.67 23.11
C ASP A 90 -20.96 -22.19 23.21
N VAL A 91 -21.92 -22.64 22.39
CA VAL A 91 -22.34 -24.09 22.30
C VAL A 91 -21.52 -24.89 21.26
N LYS A 92 -20.62 -24.19 20.58
CA LYS A 92 -19.69 -24.83 19.70
C LYS A 92 -18.29 -24.23 19.83
N ASP A 93 -17.87 -24.14 21.06
CA ASP A 93 -16.54 -23.66 21.46
C ASP A 93 -16.59 -22.94 22.81
N ARG A 94 -15.79 -23.38 23.80
CA ARG A 94 -15.60 -22.62 25.04
C ARG A 94 -14.93 -21.32 24.70
N ARG A 95 -14.01 -21.37 23.74
CA ARG A 95 -13.08 -20.28 23.44
C ARG A 95 -13.77 -18.96 23.03
N LYS A 96 -14.80 -19.12 22.22
CA LYS A 96 -15.70 -18.13 21.60
C LYS A 96 -16.78 -17.59 22.58
N PHE A 97 -17.03 -16.28 22.46
CA PHE A 97 -18.21 -15.60 23.04
C PHE A 97 -19.28 -15.29 21.93
N GLN A 98 -20.52 -15.78 22.12
CA GLN A 98 -21.74 -15.30 21.40
C GLN A 98 -22.42 -14.05 22.06
N ILE A 99 -22.95 -13.13 21.25
CA ILE A 99 -23.54 -11.88 21.74
C ILE A 99 -25.04 -11.74 21.45
N PHE A 100 -25.82 -11.69 22.51
CA PHE A 100 -27.24 -11.62 22.44
C PHE A 100 -27.78 -10.29 22.95
N LEU A 101 -28.87 -9.86 22.34
CA LEU A 101 -29.54 -8.69 22.77
C LEU A 101 -30.32 -9.03 24.02
N THR A 102 -30.42 -8.09 24.95
CA THR A 102 -31.42 -8.17 26.00
C THR A 102 -32.77 -7.66 25.48
N ASP A 103 -33.78 -7.69 26.32
CA ASP A 103 -35.05 -7.08 25.99
C ASP A 103 -34.90 -5.61 25.77
N LEU A 104 -34.12 -5.00 26.64
CA LEU A 104 -33.81 -3.61 26.49
C LEU A 104 -33.19 -3.40 25.09
N GLY A 105 -32.24 -4.25 24.71
CA GLY A 105 -31.57 -4.13 23.44
C GLY A 105 -32.59 -4.16 22.30
N ARG A 106 -33.52 -5.10 22.34
CA ARG A 106 -34.56 -5.20 21.30
C ARG A 106 -35.46 -3.98 21.33
N GLU A 107 -35.76 -3.45 22.52
CA GLU A 107 -36.73 -2.41 22.60
C GLU A 107 -36.28 -1.16 21.89
N LEU A 108 -34.98 -0.91 21.83
CA LEU A 108 -34.48 0.39 21.38
C LEU A 108 -34.39 0.54 19.86
N GLU A 109 -34.63 -0.54 19.14
CA GLU A 109 -34.60 -0.49 17.69
C GLU A 109 -35.48 0.62 17.11
N GLU A 110 -36.79 0.54 17.29
CA GLU A 110 -37.69 1.58 16.77
C GLU A 110 -37.17 2.96 17.13
N PRO A 111 -36.96 3.19 18.40
CA PRO A 111 -36.68 4.58 18.69
C PRO A 111 -35.31 5.06 18.26
N LEU A 112 -34.29 4.19 18.36
CA LEU A 112 -32.97 4.64 17.97
C LEU A 112 -32.96 4.78 16.44
N ASN A 113 -33.55 3.84 15.73
CA ASN A 113 -33.73 4.03 14.28
C ASN A 113 -34.48 5.31 13.93
N GLU A 114 -35.46 5.70 14.75
CA GLU A 114 -36.24 6.88 14.43
C GLU A 114 -35.36 8.06 14.51
N ILE A 115 -34.55 8.14 15.56
CA ILE A 115 -33.69 9.33 15.74
C ILE A 115 -32.62 9.37 14.69
N ALA A 116 -32.07 8.21 14.39
CA ALA A 116 -31.05 8.14 13.35
C ALA A 116 -31.63 8.59 11.99
N SER A 117 -32.82 8.12 11.61
CA SER A 117 -33.55 8.65 10.41
C SER A 117 -33.66 10.15 10.40
N ILE A 118 -34.04 10.75 11.50
CA ILE A 118 -34.21 12.16 11.50
C ILE A 118 -32.85 12.81 11.30
N TYR A 119 -31.87 12.36 12.07
CA TYR A 119 -30.51 12.86 11.82
C TYR A 119 -30.05 12.75 10.34
N ALA A 120 -30.19 11.55 9.76
CA ALA A 120 -29.78 11.29 8.40
C ALA A 120 -30.48 12.26 7.41
N THR A 121 -31.81 12.40 7.45
CA THR A 121 -32.48 13.20 6.45
C THR A 121 -31.93 14.57 6.48
N GLU A 122 -31.77 15.12 7.68
CA GLU A 122 -31.30 16.52 7.75
C GLU A 122 -29.86 16.63 7.28
N THR A 123 -29.07 15.61 7.58
CA THR A 123 -27.63 15.68 7.39
C THR A 123 -27.32 15.56 5.90
N PHE A 124 -28.12 14.80 5.19
CA PHE A 124 -27.94 14.59 3.78
C PHE A 124 -28.80 15.42 2.85
N LYS A 125 -29.46 16.43 3.38
CA LYS A 125 -30.44 17.19 2.65
C LYS A 125 -29.96 17.94 1.41
N SER A 126 -28.70 18.33 1.38
CA SER A 126 -28.10 19.04 0.26
C SER A 126 -27.52 18.17 -0.81
N ILE A 127 -27.68 16.88 -0.69
CA ILE A 127 -27.03 15.90 -1.51
C ILE A 127 -28.17 15.17 -2.20
N SER A 128 -27.98 14.83 -3.47
CA SER A 128 -28.98 14.14 -4.22
C SER A 128 -28.80 12.71 -4.06
N ASP A 129 -29.91 12.00 -4.18
CA ASP A 129 -29.94 10.56 -4.17
C ASP A 129 -28.88 9.96 -5.11
N GLU A 130 -28.67 10.57 -6.25
CA GLU A 130 -27.83 10.00 -7.28
C GLU A 130 -26.36 10.27 -6.98
N GLU A 131 -26.08 11.24 -6.10
CA GLU A 131 -24.71 11.43 -5.64
C GLU A 131 -24.23 10.31 -4.68
N LEU A 132 -25.15 9.65 -3.98
CA LEU A 132 -24.70 8.64 -3.01
C LEU A 132 -23.76 7.58 -3.61
N PRO A 133 -24.22 6.89 -4.66
CA PRO A 133 -23.39 5.76 -5.08
C PRO A 133 -22.04 6.23 -5.63
N LEU A 134 -21.95 7.48 -6.02
CA LEU A 134 -20.66 7.99 -6.50
C LEU A 134 -19.70 8.17 -5.31
N PHE A 135 -20.25 8.81 -4.28
CA PHE A 135 -19.61 9.05 -3.05
C PHE A 135 -19.13 7.77 -2.46
N THR A 136 -20.05 6.85 -2.28
CA THR A 136 -19.79 5.55 -1.78
C THR A 136 -18.66 4.82 -2.50
N ASP A 137 -18.63 4.99 -3.82
CA ASP A 137 -17.73 4.24 -4.61
C ASP A 137 -16.36 4.88 -4.55
N ILE A 138 -16.31 6.21 -4.47
CA ILE A 138 -15.05 6.87 -4.20
C ILE A 138 -14.49 6.46 -2.80
N LEU A 139 -15.33 6.39 -1.76
CA LEU A 139 -14.85 5.92 -0.47
C LEU A 139 -14.31 4.52 -0.62
N ASP A 140 -15.03 3.64 -1.32
CA ASP A 140 -14.57 2.26 -1.44
C ASP A 140 -13.20 2.20 -2.14
N ARG A 141 -12.85 3.16 -2.98
CA ARG A 141 -11.55 3.07 -3.67
C ARG A 141 -10.39 3.78 -3.00
N ILE A 142 -10.72 4.57 -1.99
CA ILE A 142 -9.73 5.20 -1.16
C ILE A 142 -9.08 4.14 -0.26
N GLY A 143 -7.75 4.08 -0.31
CA GLY A 143 -6.97 3.17 0.55
C GLY A 143 -6.30 2.08 -0.26
N PRO B 16 -38.68 15.39 9.87
CA PRO B 16 -38.54 16.42 8.82
C PRO B 16 -38.77 15.86 7.37
N ARG B 17 -39.33 16.64 6.41
CA ARG B 17 -39.87 16.02 5.18
C ARG B 17 -39.80 16.84 3.85
N GLY B 18 -40.15 16.19 2.76
CA GLY B 18 -40.27 16.77 1.44
C GLY B 18 -40.85 15.71 0.53
N SER B 19 -40.90 16.00 -0.77
CA SER B 19 -41.52 15.08 -1.72
C SER B 19 -40.56 14.04 -2.29
N HIS B 20 -39.27 14.17 -2.02
CA HIS B 20 -38.23 13.27 -2.59
C HIS B 20 -37.22 12.86 -1.46
N MET B 21 -37.65 11.98 -0.57
CA MET B 21 -36.83 11.44 0.53
C MET B 21 -35.94 10.30 0.07
N LYS B 22 -34.77 10.16 0.71
CA LYS B 22 -33.83 9.08 0.39
C LYS B 22 -34.13 7.87 1.25
N ASP B 23 -33.59 6.74 0.89
CA ASP B 23 -33.75 5.57 1.67
C ASP B 23 -32.76 5.63 2.85
N PHE B 24 -33.29 5.46 4.06
CA PHE B 24 -32.50 5.50 5.26
C PHE B 24 -31.35 4.51 5.17
N GLU B 25 -31.60 3.29 4.75
CA GLU B 25 -30.54 2.31 4.57
C GLU B 25 -29.36 2.82 3.75
N LYS B 26 -29.62 3.45 2.63
CA LYS B 26 -28.58 3.96 1.83
C LYS B 26 -27.79 5.05 2.59
N LEU B 27 -28.49 5.93 3.29
CA LEU B 27 -27.82 6.95 4.03
C LEU B 27 -26.95 6.36 5.16
N TYR B 28 -27.41 5.30 5.77
CA TYR B 28 -26.70 4.73 6.88
C TYR B 28 -25.44 4.03 6.39
N GLU B 29 -25.55 3.35 5.28
CA GLU B 29 -24.45 2.71 4.63
C GLU B 29 -23.44 3.73 4.21
N ALA B 30 -23.88 4.86 3.76
CA ALA B 30 -22.90 5.81 3.33
C ALA B 30 -22.18 6.41 4.53
N THR B 31 -22.91 6.63 5.62
CA THR B 31 -22.38 7.19 6.81
C THR B 31 -21.32 6.22 7.42
N THR B 32 -21.63 4.96 7.35
CA THR B 32 -20.79 3.88 7.84
C THR B 32 -19.50 3.82 7.07
N LYS B 33 -19.61 3.93 5.75
CA LYS B 33 -18.48 3.85 4.90
C LYS B 33 -17.66 5.11 5.10
N LEU B 34 -18.31 6.22 5.31
CA LEU B 34 -17.59 7.42 5.53
C LEU B 34 -16.74 7.23 6.78
N VAL B 35 -17.33 6.66 7.85
CA VAL B 35 -16.68 6.57 9.14
C VAL B 35 -15.50 5.61 9.06
N SER B 36 -15.73 4.44 8.53
CA SER B 36 -14.70 3.43 8.37
C SER B 36 -13.52 3.91 7.62
N THR B 37 -13.80 4.67 6.57
CA THR B 37 -12.75 5.06 5.68
C THR B 37 -11.91 6.11 6.37
N SER B 38 -12.55 7.08 7.01
CA SER B 38 -11.84 7.99 7.87
C SER B 38 -10.92 7.26 8.84
N LEU B 39 -11.42 6.25 9.50
CA LEU B 39 -10.58 5.58 10.45
C LEU B 39 -9.40 4.85 9.79
N LYS B 40 -9.61 4.23 8.63
CA LYS B 40 -8.58 3.44 8.02
C LYS B 40 -7.44 4.38 7.57
N VAL B 41 -7.84 5.54 7.06
CA VAL B 41 -6.92 6.48 6.52
C VAL B 41 -6.06 7.07 7.63
N LYS B 42 -6.67 7.42 8.74
CA LYS B 42 -5.97 7.91 9.88
C LYS B 42 -4.99 6.92 10.41
N ASP B 43 -5.46 5.72 10.60
CA ASP B 43 -4.69 4.70 11.24
C ASP B 43 -3.55 4.28 10.36
N ASP B 44 -3.76 4.21 9.06
CA ASP B 44 -2.69 3.83 8.22
C ASP B 44 -1.64 4.90 8.17
N LEU B 45 -2.02 6.17 8.24
CA LEU B 45 -1.02 7.19 8.12
C LEU B 45 -0.11 7.18 9.37
N LYS B 46 -0.70 6.86 10.50
CA LYS B 46 0.00 6.77 11.75
C LYS B 46 0.98 5.64 11.69
N LYS B 47 0.54 4.49 11.21
CA LYS B 47 1.44 3.35 11.04
C LYS B 47 2.61 3.68 10.14
N MET B 48 2.39 4.38 9.06
CA MET B 48 3.48 4.73 8.22
C MET B 48 4.52 5.71 8.87
N PHE B 49 4.05 6.72 9.59
CA PHE B 49 4.93 7.54 10.34
C PHE B 49 5.75 6.68 11.30
N LYS B 50 5.14 5.73 12.04
CA LYS B 50 5.90 4.99 13.06
C LYS B 50 6.91 4.07 12.39
N GLN B 51 6.49 3.39 11.34
CA GLN B 51 7.34 2.50 10.59
C GLN B 51 8.53 3.26 10.11
N ASN B 52 8.38 4.54 9.78
CA ASN B 52 9.53 5.27 9.31
C ASN B 52 10.23 5.99 10.42
N GLY B 53 9.97 5.64 11.67
CA GLY B 53 10.73 6.22 12.75
C GLY B 53 10.12 7.44 13.44
N TYR B 54 8.94 7.93 13.05
CA TYR B 54 8.34 9.06 13.73
C TYR B 54 7.11 8.67 14.55
N ASP B 55 7.12 8.92 15.86
CA ASP B 55 6.01 8.55 16.71
C ASP B 55 5.05 9.72 16.81
N ILE B 56 4.24 9.88 15.79
CA ILE B 56 3.36 11.01 15.54
C ILE B 56 1.99 10.44 15.20
N THR B 57 0.95 11.02 15.75
CA THR B 57 -0.38 10.69 15.32
C THR B 57 -0.79 11.61 14.21
N THR B 58 -1.88 11.24 13.58
CA THR B 58 -2.45 12.05 12.54
C THR B 58 -2.97 13.36 13.10
N ASP B 59 -3.41 13.37 14.36
CA ASP B 59 -3.88 14.60 14.97
C ASP B 59 -2.66 15.53 15.12
N HIS B 60 -1.56 14.98 15.64
CA HIS B 60 -0.34 15.75 15.76
C HIS B 60 0.05 16.36 14.43
N TYR B 61 0.11 15.52 13.39
CA TYR B 61 0.60 15.94 12.11
C TYR B 61 -0.33 17.04 11.62
N ALA B 62 -1.62 16.86 11.84
CA ALA B 62 -2.56 17.88 11.32
C ALA B 62 -2.33 19.24 11.98
N LEU B 63 -2.04 19.23 13.28
CA LEU B 63 -1.73 20.46 13.99
C LEU B 63 -0.40 21.09 13.53
N LEU B 64 0.63 20.28 13.41
CA LEU B 64 1.88 20.73 12.87
C LEU B 64 1.67 21.39 11.51
N ARG B 65 0.81 20.87 10.68
CA ARG B 65 0.60 21.53 9.39
C ARG B 65 0.15 22.95 9.57
N PHE B 66 -0.72 23.17 10.56
CA PHE B 66 -1.29 24.50 10.81
C PHE B 66 -0.16 25.42 11.31
N LEU B 67 0.72 24.87 12.15
CA LEU B 67 1.89 25.62 12.67
C LEU B 67 2.96 25.91 11.63
N TRP B 68 3.26 24.97 10.71
CA TRP B 68 4.19 25.31 9.63
C TRP B 68 3.62 26.45 8.79
N GLU B 69 2.31 26.53 8.60
CA GLU B 69 1.72 27.62 7.81
C GLU B 69 1.74 28.93 8.65
N GLN B 70 1.53 28.83 9.94
CA GLN B 70 1.33 29.98 10.75
C GLN B 70 1.86 29.71 12.11
N ASP B 71 3.18 29.82 12.23
CA ASP B 71 3.86 29.59 13.50
C ASP B 71 3.50 30.77 14.44
N GLY B 72 3.36 30.51 15.73
CA GLY B 72 2.91 31.49 16.71
C GLY B 72 1.44 31.90 16.75
N ILE B 73 0.61 31.30 15.92
CA ILE B 73 -0.87 31.38 16.06
C ILE B 73 -1.39 31.21 17.51
N SER B 74 -2.49 31.88 17.84
CA SER B 74 -3.17 31.74 19.15
C SER B 74 -3.77 30.34 19.39
N GLN B 75 -3.69 29.80 20.61
CA GLN B 75 -4.46 28.59 20.95
C GLN B 75 -5.87 28.75 20.42
N ILE B 76 -6.43 29.93 20.65
CA ILE B 76 -7.79 30.19 20.22
C ILE B 76 -7.95 29.94 18.73
N ASP B 77 -7.24 30.68 17.88
CA ASP B 77 -7.37 30.48 16.40
C ASP B 77 -7.04 29.04 15.92
N LEU B 78 -6.32 28.28 16.74
CA LEU B 78 -5.92 26.95 16.39
C LEU B 78 -7.11 26.04 16.51
N CYS B 79 -7.95 26.31 17.51
CA CYS B 79 -9.14 25.54 17.80
C CYS B 79 -10.21 25.75 16.77
N GLU B 80 -10.41 27.00 16.33
CA GLU B 80 -11.33 27.26 15.22
C GLU B 80 -10.93 26.37 14.03
N LYS B 81 -9.66 26.42 13.62
CA LYS B 81 -9.13 25.58 12.51
C LYS B 81 -9.18 24.08 12.84
N SER B 82 -8.86 23.77 14.08
CA SER B 82 -8.68 22.42 14.51
C SER B 82 -9.94 21.67 14.37
N CYS B 83 -11.02 22.31 14.76
CA CYS B 83 -12.17 21.66 15.31
C CYS B 83 -11.80 21.19 16.71
N LYS B 84 -12.27 20.00 17.10
CA LYS B 84 -11.87 19.33 18.32
C LYS B 84 -11.92 20.31 19.46
N ASP B 85 -13.08 20.90 19.56
CA ASP B 85 -13.23 22.34 19.82
C ASP B 85 -12.28 23.00 20.80
N LYS B 86 -12.25 22.56 22.06
CA LYS B 86 -11.27 23.09 23.02
C LYS B 86 -10.52 21.98 23.77
N SER B 87 -11.15 21.34 24.75
CA SER B 87 -10.38 20.49 25.66
C SER B 87 -9.60 19.35 24.98
N ASN B 88 -10.03 18.95 23.78
CA ASN B 88 -9.30 17.92 23.03
C ASN B 88 -8.10 18.40 22.20
N THR B 89 -8.24 19.51 21.47
CA THR B 89 -7.07 20.17 20.87
C THR B 89 -6.00 20.44 21.97
N THR B 90 -6.45 20.97 23.12
CA THR B 90 -5.60 21.30 24.28
C THR B 90 -4.86 20.11 24.83
N ARG B 91 -5.61 19.09 25.19
CA ARG B 91 -5.01 17.88 25.68
C ARG B 91 -3.97 17.42 24.64
N ILE B 92 -4.31 17.54 23.34
CA ILE B 92 -3.42 17.09 22.28
C ILE B 92 -2.22 18.02 22.21
N LEU B 93 -2.45 19.33 22.37
CA LEU B 93 -1.34 20.29 22.48
C LEU B 93 -0.38 19.98 23.63
N ASP B 94 -0.93 19.64 24.78
CA ASP B 94 -0.11 19.28 25.92
C ASP B 94 0.78 18.15 25.49
N VAL B 95 0.18 17.14 24.88
CA VAL B 95 0.95 15.93 24.55
C VAL B 95 2.09 16.29 23.58
N MET B 96 1.86 17.31 22.77
CA MET B 96 2.83 17.78 21.80
C MET B 96 3.95 18.55 22.52
N LYS B 97 3.60 19.40 23.49
CA LYS B 97 4.61 20.07 24.32
C LYS B 97 5.54 19.04 24.97
N ASN B 98 4.95 18.01 25.57
CA ASN B 98 5.77 16.99 26.23
C ASN B 98 6.52 16.13 25.26
N LYS B 99 6.12 16.16 23.99
CA LYS B 99 6.92 15.51 22.97
C LYS B 99 8.02 16.44 22.47
N GLY B 100 7.94 17.72 22.78
CA GLY B 100 8.97 18.66 22.42
C GLY B 100 8.79 19.28 21.07
N LEU B 101 7.56 19.33 20.62
CA LEU B 101 7.29 19.76 19.28
C LEU B 101 6.91 21.19 19.29
N ILE B 102 6.29 21.59 20.38
CA ILE B 102 5.74 22.90 20.44
C ILE B 102 5.90 23.51 21.81
N VAL B 103 5.64 24.80 21.85
CA VAL B 103 5.83 25.51 23.08
C VAL B 103 4.74 26.57 23.19
N ARG B 104 4.29 26.74 24.42
CA ARG B 104 3.16 27.58 24.77
C ARG B 104 3.69 28.89 25.34
N LYS B 105 3.33 30.02 24.72
CA LYS B 105 3.85 31.30 25.18
C LYS B 105 2.74 32.35 25.40
N VAL B 106 2.58 32.76 26.66
CA VAL B 106 1.59 33.77 27.08
C VAL B 106 1.60 34.98 26.13
N ASP B 107 0.44 35.37 25.59
CA ASP B 107 0.40 36.45 24.59
C ASP B 107 0.95 37.77 25.17
N VAL B 108 1.83 38.44 24.45
CA VAL B 108 2.34 39.72 24.90
C VAL B 108 1.21 40.70 24.89
N LYS B 109 0.38 40.61 23.86
CA LYS B 109 -0.77 41.46 23.71
C LYS B 109 -2.00 40.61 23.91
N ASP B 110 -2.88 41.08 24.76
CA ASP B 110 -4.09 40.37 25.10
C ASP B 110 -3.72 39.37 26.17
N ARG B 111 -4.18 39.66 27.37
CA ARG B 111 -3.83 38.84 28.52
C ARG B 111 -4.65 37.57 28.53
N ARG B 112 -4.01 36.47 28.90
CA ARG B 112 -4.69 35.20 29.08
C ARG B 112 -4.85 34.39 27.78
N LYS B 113 -4.52 35.00 26.65
CA LYS B 113 -4.42 34.27 25.42
C LYS B 113 -3.08 33.58 25.44
N PHE B 114 -2.93 32.48 24.70
CA PHE B 114 -1.58 31.93 24.46
C PHE B 114 -1.26 32.01 22.95
N GLN B 115 0.03 31.96 22.61
CA GLN B 115 0.45 31.70 21.23
C GLN B 115 1.22 30.39 21.26
N ILE B 116 1.16 29.69 20.13
CA ILE B 116 1.76 28.35 20.01
C ILE B 116 2.92 28.43 19.03
N PHE B 117 4.09 27.98 19.48
CA PHE B 117 5.24 28.06 18.61
C PHE B 117 5.89 26.69 18.50
N LEU B 118 6.38 26.44 17.29
CA LEU B 118 7.22 25.29 17.00
C LEU B 118 8.57 25.35 17.69
N THR B 119 8.95 24.24 18.27
CA THR B 119 10.30 23.92 18.66
C THR B 119 11.20 23.77 17.45
N ASP B 120 12.51 23.66 17.66
CA ASP B 120 13.41 23.33 16.53
C ASP B 120 12.97 21.99 15.94
N LEU B 121 12.74 21.01 16.82
CA LEU B 121 12.24 19.71 16.39
C LEU B 121 10.96 19.79 15.57
N GLY B 122 10.01 20.57 16.05
CA GLY B 122 8.78 20.80 15.32
C GLY B 122 8.98 21.43 13.97
N ARG B 123 9.98 22.31 13.83
CA ARG B 123 10.28 22.91 12.51
C ARG B 123 10.92 21.89 11.59
N GLU B 124 11.82 21.10 12.12
CA GLU B 124 12.59 20.17 11.29
C GLU B 124 11.70 19.04 10.75
N LEU B 125 10.71 18.62 11.51
CA LEU B 125 9.84 17.58 11.06
C LEU B 125 9.05 17.94 9.81
N GLU B 126 9.01 19.20 9.42
CA GLU B 126 8.14 19.54 8.31
C GLU B 126 8.48 18.73 7.05
N GLU B 127 9.74 18.64 6.72
CA GLU B 127 10.09 18.02 5.45
C GLU B 127 9.89 16.48 5.43
N PRO B 128 10.43 15.75 6.41
CA PRO B 128 10.29 14.30 6.46
C PRO B 128 8.81 13.89 6.65
N LEU B 129 8.09 14.60 7.49
CA LEU B 129 6.66 14.29 7.66
C LEU B 129 5.82 14.61 6.43
N ASN B 130 6.08 15.71 5.73
CA ASN B 130 5.35 15.91 4.49
C ASN B 130 5.72 14.92 3.40
N GLU B 131 6.92 14.36 3.47
CA GLU B 131 7.38 13.46 2.47
C GLU B 131 6.58 12.14 2.62
N ILE B 132 6.51 11.63 3.83
CA ILE B 132 5.79 10.44 4.09
C ILE B 132 4.30 10.63 3.79
N ALA B 133 3.70 11.75 4.23
CA ALA B 133 2.28 11.95 4.06
C ALA B 133 1.93 12.06 2.59
N SER B 134 2.80 12.72 1.86
CA SER B 134 2.60 12.90 0.43
C SER B 134 2.61 11.57 -0.36
N ILE B 135 3.59 10.75 -0.07
CA ILE B 135 3.69 9.46 -0.67
C ILE B 135 2.45 8.67 -0.27
N TYR B 136 2.09 8.76 1.00
CA TYR B 136 0.96 8.07 1.54
C TYR B 136 -0.33 8.48 0.82
N ALA B 137 -0.49 9.77 0.61
CA ALA B 137 -1.68 10.32 -0.03
C ALA B 137 -1.86 9.87 -1.47
N THR B 138 -0.78 9.93 -2.23
CA THR B 138 -0.76 9.39 -3.59
C THR B 138 -1.12 7.92 -3.69
N GLU B 139 -0.55 7.06 -2.86
CA GLU B 139 -1.00 5.69 -2.83
C GLU B 139 -2.51 5.67 -2.57
N THR B 140 -2.92 6.29 -1.48
CA THR B 140 -4.25 6.19 -0.95
C THR B 140 -5.26 6.70 -1.98
N PHE B 141 -4.89 7.68 -2.79
CA PHE B 141 -5.83 8.18 -3.72
C PHE B 141 -5.57 7.68 -5.17
N LYS B 142 -4.59 6.80 -5.40
CA LYS B 142 -4.19 6.43 -6.79
C LYS B 142 -5.38 6.03 -7.75
N SER B 143 -6.32 5.16 -7.31
CA SER B 143 -7.56 4.92 -8.02
C SER B 143 -8.54 6.09 -8.15
N ILE B 144 -8.16 7.33 -7.92
CA ILE B 144 -9.17 8.38 -7.89
C ILE B 144 -8.76 9.41 -8.89
N SER B 145 -9.65 9.73 -9.83
CA SER B 145 -9.27 10.54 -10.98
C SER B 145 -9.20 11.97 -10.55
N ASP B 146 -8.62 12.83 -11.38
CA ASP B 146 -8.53 14.25 -11.03
C ASP B 146 -9.90 14.89 -11.03
N GLU B 147 -10.82 14.42 -11.86
CA GLU B 147 -12.14 15.06 -11.95
C GLU B 147 -12.96 14.77 -10.69
N GLU B 148 -12.91 13.50 -10.26
CA GLU B 148 -13.52 13.00 -9.01
C GLU B 148 -13.19 13.66 -7.65
N LEU B 149 -12.03 14.25 -7.56
CA LEU B 149 -11.56 14.72 -6.28
C LEU B 149 -12.36 15.89 -5.76
N PRO B 150 -12.56 16.91 -6.58
CA PRO B 150 -13.34 18.06 -6.04
C PRO B 150 -14.85 17.76 -5.93
N LEU B 151 -15.31 16.82 -6.72
CA LEU B 151 -16.62 16.31 -6.55
C LEU B 151 -16.78 15.70 -5.15
N PHE B 152 -15.84 14.82 -4.79
CA PHE B 152 -15.81 14.15 -3.49
C PHE B 152 -15.78 15.17 -2.42
N THR B 153 -14.91 16.12 -2.63
CA THR B 153 -14.71 17.17 -1.66
C THR B 153 -15.95 18.04 -1.49
N ASP B 154 -16.69 18.26 -2.57
CA ASP B 154 -17.85 19.12 -2.53
C ASP B 154 -19.01 18.41 -1.80
N ILE B 155 -19.13 17.10 -1.96
CA ILE B 155 -20.13 16.35 -1.22
C ILE B 155 -19.85 16.41 0.29
N LEU B 156 -18.61 16.17 0.68
CA LEU B 156 -18.22 16.32 2.09
C LEU B 156 -18.57 17.70 2.70
N ASP B 157 -18.45 18.76 1.91
CA ASP B 157 -18.80 20.07 2.35
C ASP B 157 -20.29 20.26 2.49
N ARG B 158 -21.10 19.60 1.68
CA ARG B 158 -22.55 19.71 1.81
C ARG B 158 -23.15 18.81 2.90
N ILE B 159 -22.44 17.76 3.31
CA ILE B 159 -22.88 16.94 4.43
C ILE B 159 -22.91 17.74 5.73
N GLY B 160 -24.10 17.93 6.35
CA GLY B 160 -24.29 18.78 7.56
C GLY B 160 -24.82 20.22 7.39
N LYS C 5 17.05 -3.75 9.88
CA LYS C 5 16.07 -3.03 9.01
C LYS C 5 16.28 -1.50 8.97
N ASP C 6 17.53 -1.09 8.86
CA ASP C 6 17.86 0.26 8.41
C ASP C 6 18.10 0.24 6.89
N PHE C 7 18.18 1.41 6.26
CA PHE C 7 18.07 1.44 4.80
C PHE C 7 19.15 0.61 4.09
N GLU C 8 20.40 0.72 4.53
CA GLU C 8 21.52 -0.07 4.00
C GLU C 8 21.07 -1.53 3.88
N LYS C 9 20.56 -2.10 4.95
CA LYS C 9 20.26 -3.52 4.98
C LYS C 9 19.09 -3.83 4.05
N LEU C 10 18.02 -3.05 4.12
CA LEU C 10 16.91 -3.26 3.22
C LEU C 10 17.34 -3.14 1.79
N TYR C 11 18.22 -2.18 1.48
CA TYR C 11 18.63 -1.97 0.11
C TYR C 11 19.53 -3.12 -0.39
N GLU C 12 20.41 -3.61 0.47
CA GLU C 12 21.21 -4.78 0.18
C GLU C 12 20.29 -5.98 -0.07
N ALA C 13 19.27 -6.15 0.74
CA ALA C 13 18.43 -7.30 0.59
C ALA C 13 17.67 -7.20 -0.73
N THR C 14 17.27 -5.99 -1.09
CA THR C 14 16.49 -5.79 -2.32
C THR C 14 17.39 -6.12 -3.55
N THR C 15 18.63 -5.73 -3.45
CA THR C 15 19.61 -5.87 -4.51
C THR C 15 19.97 -7.32 -4.73
N LYS C 16 20.18 -8.08 -3.64
CA LYS C 16 20.46 -9.48 -3.70
C LYS C 16 19.28 -10.26 -4.27
N LEU C 17 18.07 -9.85 -3.89
CA LEU C 17 16.87 -10.43 -4.44
C LEU C 17 16.88 -10.28 -5.95
N VAL C 18 17.02 -9.05 -6.43
CA VAL C 18 16.91 -8.81 -7.86
C VAL C 18 17.99 -9.56 -8.67
N SER C 19 19.24 -9.44 -8.22
CA SER C 19 20.34 -10.20 -8.79
C SER C 19 20.19 -11.67 -8.77
N THR C 20 19.66 -12.20 -7.69
CA THR C 20 19.54 -13.62 -7.64
C THR C 20 18.49 -14.06 -8.65
N SER C 21 17.44 -13.28 -8.76
CA SER C 21 16.41 -13.60 -9.69
C SER C 21 16.99 -13.54 -11.07
N LEU C 22 17.79 -12.53 -11.37
CA LEU C 22 18.34 -12.46 -12.73
C LEU C 22 19.30 -13.60 -13.00
N LYS C 23 20.15 -13.90 -12.03
CA LYS C 23 21.06 -14.99 -12.20
C LYS C 23 20.27 -16.31 -12.42
N VAL C 24 19.20 -16.51 -11.69
CA VAL C 24 18.53 -17.79 -11.80
C VAL C 24 17.91 -17.92 -13.18
N LYS C 25 17.24 -16.86 -13.66
CA LYS C 25 16.62 -16.95 -14.99
C LYS C 25 17.68 -17.16 -16.09
N ASP C 26 18.81 -16.50 -15.97
CA ASP C 26 19.79 -16.49 -17.04
C ASP C 26 20.58 -17.82 -17.07
N ASP C 27 20.85 -18.39 -15.92
CA ASP C 27 21.52 -19.64 -15.92
C ASP C 27 20.63 -20.70 -16.52
N LEU C 28 19.32 -20.65 -16.31
CA LEU C 28 18.44 -21.67 -16.89
C LEU C 28 18.34 -21.46 -18.43
N LYS C 29 18.42 -20.22 -18.92
CA LYS C 29 18.40 -20.01 -20.36
C LYS C 29 19.63 -20.71 -20.93
N LYS C 30 20.78 -20.46 -20.33
CA LYS C 30 22.05 -21.02 -20.78
C LYS C 30 21.99 -22.53 -20.78
N MET C 31 21.44 -23.09 -19.74
CA MET C 31 21.35 -24.49 -19.69
C MET C 31 20.44 -25.09 -20.80
N PHE C 32 19.32 -24.47 -21.09
CA PHE C 32 18.49 -24.99 -22.16
C PHE C 32 19.25 -24.94 -23.49
N LYS C 33 20.01 -23.87 -23.65
CA LYS C 33 20.76 -23.57 -24.85
C LYS C 33 21.90 -24.57 -24.98
N GLN C 34 22.51 -24.96 -23.88
CA GLN C 34 23.62 -25.90 -23.95
C GLN C 34 23.08 -27.28 -24.34
N ASN C 35 21.83 -27.56 -24.00
CA ASN C 35 21.26 -28.84 -24.36
C ASN C 35 20.60 -28.78 -25.70
N GLY C 36 20.79 -27.73 -26.49
CA GLY C 36 20.14 -27.66 -27.80
C GLY C 36 18.76 -26.97 -27.88
N TYR C 37 18.26 -26.44 -26.77
CA TYR C 37 16.98 -25.79 -26.84
C TYR C 37 17.09 -24.27 -26.87
N ASP C 38 16.53 -23.65 -27.90
CA ASP C 38 16.55 -22.20 -28.02
C ASP C 38 15.33 -21.54 -27.34
N ILE C 39 15.17 -21.75 -26.04
CA ILE C 39 14.07 -21.15 -25.34
C ILE C 39 14.55 -20.43 -24.10
N THR C 40 13.69 -19.54 -23.59
CA THR C 40 14.02 -18.73 -22.44
C THR C 40 13.26 -19.22 -21.25
N THR C 41 13.62 -18.67 -20.11
CA THR C 41 12.92 -18.97 -18.90
C THR C 41 11.48 -18.53 -18.93
N ASP C 42 11.16 -17.45 -19.66
CA ASP C 42 9.75 -17.00 -19.72
C ASP C 42 8.94 -17.99 -20.51
N HIS C 43 9.55 -18.47 -21.60
CA HIS C 43 8.89 -19.44 -22.43
C HIS C 43 8.54 -20.71 -21.67
N TYR C 44 9.53 -21.24 -20.94
CA TYR C 44 9.34 -22.42 -20.09
C TYR C 44 8.21 -22.17 -19.09
N ALA C 45 8.27 -21.04 -18.43
CA ALA C 45 7.18 -20.68 -17.50
C ALA C 45 5.80 -20.69 -18.13
N LEU C 46 5.63 -20.15 -19.33
CA LEU C 46 4.35 -20.19 -19.96
C LEU C 46 3.95 -21.59 -20.39
N LEU C 47 4.91 -22.35 -20.91
CA LEU C 47 4.64 -23.73 -21.30
C LEU C 47 4.20 -24.50 -20.08
N ARG C 48 4.82 -24.24 -18.92
CA ARG C 48 4.38 -24.89 -17.70
C ARG C 48 2.90 -24.64 -17.45
N PHE C 49 2.47 -23.40 -17.57
CA PHE C 49 1.01 -23.18 -17.39
C PHE C 49 0.18 -23.94 -18.36
N LEU C 50 0.59 -23.92 -19.62
CA LEU C 50 -0.16 -24.63 -20.64
C LEU C 50 -0.14 -26.18 -20.49
N TRP C 51 0.94 -26.80 -19.99
CA TRP C 51 0.92 -28.26 -19.76
C TRP C 51 -0.08 -28.62 -18.68
N GLU C 52 -0.35 -27.69 -17.77
CA GLU C 52 -1.41 -27.85 -16.77
C GLU C 52 -2.78 -27.68 -17.41
N GLN C 53 -2.94 -26.61 -18.18
CA GLN C 53 -4.23 -26.30 -18.74
C GLN C 53 -4.03 -25.72 -20.17
N ASP C 54 -4.38 -26.46 -21.23
CA ASP C 54 -4.28 -25.94 -22.62
C ASP C 54 -5.42 -24.92 -22.84
N GLY C 55 -5.29 -23.97 -23.75
CA GLY C 55 -6.42 -23.09 -24.06
C GLY C 55 -6.65 -21.89 -23.17
N ILE C 56 -5.65 -21.57 -22.36
CA ILE C 56 -5.78 -20.45 -21.46
C ILE C 56 -5.88 -19.19 -22.28
N SER C 57 -6.68 -18.25 -21.81
CA SER C 57 -6.76 -16.99 -22.53
C SER C 57 -5.44 -16.23 -22.43
N GLN C 58 -5.12 -15.46 -23.44
CA GLN C 58 -3.95 -14.66 -23.41
C GLN C 58 -3.90 -13.71 -22.20
N ILE C 59 -5.05 -13.22 -21.78
CA ILE C 59 -5.08 -12.17 -20.74
C ILE C 59 -4.91 -12.88 -19.39
N ASP C 60 -5.50 -14.06 -19.21
CA ASP C 60 -5.15 -14.90 -18.07
C ASP C 60 -3.68 -15.32 -18.07
N LEU C 61 -3.09 -15.56 -19.23
CA LEU C 61 -1.68 -15.85 -19.19
C LEU C 61 -0.95 -14.62 -18.70
N CYS C 62 -1.38 -13.43 -19.06
CA CYS C 62 -0.64 -12.22 -18.64
C CYS C 62 -0.81 -11.97 -17.12
N GLU C 63 -1.93 -12.45 -16.61
CA GLU C 63 -2.29 -12.32 -15.20
C GLU C 63 -1.45 -13.26 -14.32
N LYS C 64 -1.44 -14.56 -14.63
CA LYS C 64 -0.72 -15.59 -13.88
C LYS C 64 0.77 -15.34 -14.04
N SER C 65 1.09 -14.88 -15.22
CA SER C 65 2.41 -14.55 -15.60
C SER C 65 2.60 -13.42 -14.73
N CYS C 66 3.82 -13.03 -14.53
CA CYS C 66 4.09 -11.99 -13.57
C CYS C 66 4.78 -10.92 -14.37
N LYS C 67 4.17 -10.60 -15.49
CA LYS C 67 4.88 -9.97 -16.54
C LYS C 67 3.94 -9.16 -17.35
N ASP C 68 2.90 -8.68 -16.69
CA ASP C 68 1.87 -7.90 -17.35
C ASP C 68 2.47 -6.87 -18.26
N LYS C 69 1.95 -6.82 -19.47
CA LYS C 69 2.37 -5.85 -20.47
C LYS C 69 1.88 -6.24 -21.86
N SER C 70 2.59 -5.71 -22.84
CA SER C 70 2.58 -6.11 -24.20
C SER C 70 3.84 -6.92 -24.28
N ASN C 71 4.45 -7.08 -23.12
CA ASN C 71 5.53 -8.04 -22.96
C ASN C 71 5.04 -9.51 -23.12
N THR C 72 4.01 -9.88 -22.36
CA THR C 72 3.35 -11.16 -22.58
C THR C 72 3.05 -11.40 -24.06
N THR C 73 2.56 -10.37 -24.73
CA THR C 73 2.20 -10.48 -26.12
C THR C 73 3.41 -10.73 -27.01
N ARG C 74 4.48 -9.99 -26.76
CA ARG C 74 5.72 -10.13 -27.54
C ARG C 74 6.30 -11.53 -27.31
N ILE C 75 6.36 -11.95 -26.04
CA ILE C 75 6.84 -13.28 -25.70
C ILE C 75 5.97 -14.38 -26.32
N LEU C 76 4.66 -14.20 -26.29
CA LEU C 76 3.83 -15.19 -26.96
C LEU C 76 4.10 -15.23 -28.45
N ASP C 77 4.57 -14.12 -29.03
CA ASP C 77 4.77 -14.07 -30.48
C ASP C 77 6.02 -14.80 -30.81
N VAL C 78 7.05 -14.65 -29.96
CA VAL C 78 8.27 -15.45 -30.14
C VAL C 78 7.92 -16.98 -30.01
N MET C 79 7.17 -17.36 -29.00
CA MET C 79 6.82 -18.77 -28.87
C MET C 79 6.06 -19.27 -30.11
N LYS C 80 5.21 -18.42 -30.66
CA LYS C 80 4.45 -18.76 -31.85
C LYS C 80 5.39 -18.98 -33.06
N ASN C 81 6.36 -18.09 -33.26
CA ASN C 81 7.35 -18.28 -34.31
C ASN C 81 8.22 -19.51 -34.21
N LYS C 82 8.47 -19.98 -32.99
CA LYS C 82 9.22 -21.21 -32.79
C LYS C 82 8.33 -22.45 -32.84
N GLY C 83 7.01 -22.32 -33.03
CA GLY C 83 6.14 -23.48 -33.19
C GLY C 83 5.59 -24.05 -31.92
N LEU C 84 5.78 -23.32 -30.82
CA LEU C 84 5.41 -23.90 -29.52
C LEU C 84 3.92 -23.83 -29.31
N ILE C 85 3.32 -22.73 -29.76
CA ILE C 85 1.90 -22.45 -29.48
C ILE C 85 1.26 -21.81 -30.67
N VAL C 86 -0.06 -21.90 -30.75
CA VAL C 86 -0.82 -21.00 -31.65
C VAL C 86 -1.84 -20.17 -30.91
N ARG C 87 -2.23 -19.10 -31.58
CA ARG C 87 -3.19 -18.12 -31.07
C ARG C 87 -4.49 -18.33 -31.80
N LYS C 88 -5.58 -18.54 -31.07
CA LYS C 88 -6.92 -18.66 -31.70
C LYS C 88 -7.91 -17.68 -31.11
N VAL C 89 -8.77 -17.18 -31.96
CA VAL C 89 -9.83 -16.35 -31.52
C VAL C 89 -10.82 -17.22 -30.79
N ASP C 90 -11.19 -16.76 -29.60
CA ASP C 90 -12.18 -17.45 -28.80
C ASP C 90 -13.55 -17.17 -29.36
N VAL C 91 -14.26 -18.22 -29.72
CA VAL C 91 -15.50 -18.09 -30.51
C VAL C 91 -16.69 -17.58 -29.69
N LYS C 92 -16.75 -18.06 -28.47
CA LYS C 92 -17.70 -17.61 -27.48
C LYS C 92 -17.39 -16.20 -26.94
N ASP C 93 -16.17 -15.70 -27.11
CA ASP C 93 -15.86 -14.39 -26.61
C ASP C 93 -14.73 -13.75 -27.41
N ARG C 94 -15.10 -12.95 -28.38
CA ARG C 94 -14.20 -12.46 -29.42
C ARG C 94 -13.34 -11.39 -28.87
N ARG C 95 -13.49 -11.08 -27.60
CA ARG C 95 -12.56 -10.15 -26.98
C ARG C 95 -11.21 -10.85 -26.68
N LYS C 96 -11.26 -12.19 -26.60
CA LYS C 96 -10.15 -12.99 -26.18
C LYS C 96 -9.55 -13.89 -27.28
N PHE C 97 -8.22 -13.96 -27.27
CA PHE C 97 -7.45 -15.07 -27.84
C PHE C 97 -7.23 -16.23 -26.83
N GLN C 98 -7.47 -17.46 -27.24
CA GLN C 98 -6.97 -18.56 -26.48
C GLN C 98 -5.64 -19.04 -27.06
N ILE C 99 -4.75 -19.49 -26.17
CA ILE C 99 -3.41 -19.96 -26.55
C ILE C 99 -3.38 -21.46 -26.33
N PHE C 100 -3.03 -22.20 -27.38
CA PHE C 100 -3.02 -23.69 -27.32
C PHE C 100 -1.64 -24.15 -27.68
N LEU C 101 -1.22 -25.25 -27.08
CA LEU C 101 0.05 -25.88 -27.46
C LEU C 101 -0.01 -26.50 -28.86
N THR C 102 1.02 -26.33 -29.68
CA THR C 102 1.18 -27.25 -30.82
C THR C 102 1.58 -28.66 -30.36
N ASP C 103 1.70 -29.59 -31.31
CA ASP C 103 2.23 -30.94 -30.94
C ASP C 103 3.62 -30.75 -30.42
N LEU C 104 4.39 -29.89 -31.05
CA LEU C 104 5.74 -29.63 -30.61
C LEU C 104 5.70 -29.16 -29.16
N GLY C 105 4.84 -28.18 -28.88
CA GLY C 105 4.75 -27.62 -27.53
C GLY C 105 4.50 -28.66 -26.49
N ARG C 106 3.64 -29.61 -26.81
CA ARG C 106 3.23 -30.70 -25.90
C ARG C 106 4.37 -31.69 -25.73
N GLU C 107 5.09 -31.88 -26.80
CA GLU C 107 6.07 -32.90 -26.80
C GLU C 107 7.28 -32.55 -25.92
N LEU C 108 7.65 -31.26 -25.88
CA LEU C 108 8.78 -30.82 -25.07
C LEU C 108 8.56 -30.88 -23.56
N GLU C 109 7.38 -31.23 -23.08
CA GLU C 109 7.19 -31.30 -21.65
C GLU C 109 8.26 -32.16 -20.97
N GLU C 110 8.40 -33.42 -21.38
CA GLU C 110 9.34 -34.34 -20.71
C GLU C 110 10.76 -33.77 -20.72
N PRO C 111 11.24 -33.39 -21.88
CA PRO C 111 12.66 -33.10 -21.83
C PRO C 111 12.99 -31.80 -21.21
N LEU C 112 12.13 -30.79 -21.38
CA LEU C 112 12.37 -29.48 -20.75
C LEU C 112 12.21 -29.61 -19.27
N ASN C 113 11.28 -30.45 -18.80
CA ASN C 113 11.23 -30.64 -17.35
C ASN C 113 12.48 -31.31 -16.77
N GLU C 114 13.03 -32.30 -17.48
CA GLU C 114 14.16 -33.05 -16.99
C GLU C 114 15.26 -32.02 -16.78
N ILE C 115 15.45 -31.16 -17.75
CA ILE C 115 16.55 -30.20 -17.68
C ILE C 115 16.34 -29.14 -16.62
N ALA C 116 15.11 -28.66 -16.49
CA ALA C 116 14.75 -27.68 -15.47
C ALA C 116 15.07 -28.31 -14.13
N SER C 117 14.67 -29.57 -13.99
CA SER C 117 14.92 -30.33 -12.77
C SER C 117 16.39 -30.50 -12.43
N ILE C 118 17.22 -30.82 -13.40
CA ILE C 118 18.63 -30.93 -13.13
C ILE C 118 19.15 -29.55 -12.77
N TYR C 119 18.64 -28.53 -13.42
CA TYR C 119 19.08 -27.17 -13.13
C TYR C 119 18.72 -26.71 -11.72
N ALA C 120 17.55 -27.13 -11.29
CA ALA C 120 17.06 -26.74 -10.03
C ALA C 120 17.94 -27.34 -8.94
N THR C 121 18.06 -28.66 -8.97
CA THR C 121 19.02 -29.35 -8.15
C THR C 121 20.44 -28.73 -8.12
N GLU C 122 21.00 -28.34 -9.24
CA GLU C 122 22.32 -27.70 -9.16
C GLU C 122 22.22 -26.32 -8.50
N THR C 123 21.14 -25.61 -8.78
CA THR C 123 21.02 -24.20 -8.42
C THR C 123 20.76 -24.09 -6.94
N PHE C 124 19.96 -25.02 -6.41
CA PHE C 124 19.72 -25.11 -4.98
C PHE C 124 20.60 -26.18 -4.20
N LYS C 125 21.73 -26.61 -4.73
CA LYS C 125 22.55 -27.65 -4.05
C LYS C 125 23.03 -27.25 -2.64
N SER C 126 23.36 -25.98 -2.44
CA SER C 126 23.72 -25.47 -1.13
C SER C 126 22.54 -24.97 -0.27
N ILE C 127 21.32 -25.43 -0.57
CA ILE C 127 20.16 -25.05 0.19
C ILE C 127 19.40 -26.31 0.55
N SER C 128 18.97 -26.43 1.79
CA SER C 128 18.20 -27.56 2.19
C SER C 128 16.71 -27.35 1.98
N ASP C 129 16.00 -28.45 1.73
CA ASP C 129 14.59 -28.36 1.45
C ASP C 129 13.85 -27.78 2.65
N GLU C 130 14.49 -27.82 3.82
CA GLU C 130 13.88 -27.31 5.02
C GLU C 130 14.06 -25.81 5.15
N GLU C 131 14.89 -25.17 4.32
CA GLU C 131 14.94 -23.68 4.32
C GLU C 131 13.93 -23.05 3.39
N LEU C 132 13.37 -23.83 2.50
CA LEU C 132 12.45 -23.26 1.54
C LEU C 132 11.19 -22.68 2.12
N PRO C 133 10.62 -23.29 3.15
CA PRO C 133 9.41 -22.70 3.68
C PRO C 133 9.65 -21.31 4.27
N LEU C 134 10.79 -21.10 4.90
CA LEU C 134 11.13 -19.76 5.41
C LEU C 134 11.28 -18.81 4.25
N PHE C 135 12.12 -19.20 3.28
CA PHE C 135 12.41 -18.41 2.10
C PHE C 135 11.13 -17.92 1.39
N THR C 136 10.31 -18.88 1.15
CA THR C 136 9.03 -18.75 0.49
C THR C 136 7.99 -17.88 1.25
N ASP C 137 7.96 -18.04 2.56
CA ASP C 137 7.14 -17.25 3.41
C ASP C 137 7.63 -15.78 3.41
N ILE C 138 8.92 -15.56 3.55
CA ILE C 138 9.45 -14.21 3.45
C ILE C 138 9.06 -13.55 2.12
N LEU C 139 9.26 -14.24 1.00
CA LEU C 139 8.91 -13.71 -0.29
C LEU C 139 7.45 -13.38 -0.37
N ASP C 140 6.60 -14.26 0.15
CA ASP C 140 5.15 -14.02 0.13
C ASP C 140 4.82 -12.73 0.87
N ARG C 141 5.55 -12.46 1.93
CA ARG C 141 5.36 -11.27 2.70
C ARG C 141 6.11 -10.06 2.15
N ILE C 142 7.21 -10.18 1.40
CA ILE C 142 7.77 -8.92 0.96
C ILE C 142 6.70 -8.26 0.01
N GLY C 143 6.36 -7.00 0.24
CA GLY C 143 5.38 -6.27 -0.60
C GLY C 143 3.99 -6.12 -0.01
N ASP D 6 13.06 -31.72 -4.03
CA ASP D 6 11.91 -32.15 -4.91
C ASP D 6 11.55 -31.02 -5.88
N PHE D 7 11.36 -31.37 -7.15
CA PHE D 7 11.31 -30.42 -8.20
C PHE D 7 10.18 -29.37 -8.02
N GLU D 8 8.99 -29.78 -7.67
CA GLU D 8 7.88 -28.88 -7.58
C GLU D 8 8.14 -27.80 -6.58
N LYS D 9 8.79 -28.15 -5.49
CA LYS D 9 9.03 -27.19 -4.44
C LYS D 9 10.06 -26.15 -4.91
N LEU D 10 11.08 -26.59 -5.63
CA LEU D 10 12.12 -25.70 -6.07
C LEU D 10 11.57 -24.73 -7.09
N TYR D 11 10.61 -25.24 -7.87
CA TYR D 11 10.08 -24.49 -8.97
C TYR D 11 9.17 -23.45 -8.38
N GLU D 12 8.38 -23.85 -7.39
CA GLU D 12 7.48 -22.92 -6.74
C GLU D 12 8.29 -21.82 -6.09
N ALA D 13 9.49 -22.16 -5.61
CA ALA D 13 10.31 -21.23 -4.90
C ALA D 13 10.96 -20.24 -5.86
N THR D 14 11.45 -20.77 -6.95
CA THR D 14 12.00 -19.99 -8.02
C THR D 14 10.98 -19.03 -8.65
N THR D 15 9.79 -19.49 -8.87
CA THR D 15 8.71 -18.68 -9.41
C THR D 15 8.41 -17.52 -8.47
N LYS D 16 8.35 -17.81 -7.17
CA LYS D 16 8.04 -16.79 -6.17
C LYS D 16 9.18 -15.77 -6.11
N LEU D 17 10.39 -16.27 -6.31
CA LEU D 17 11.54 -15.44 -6.26
C LEU D 17 11.43 -14.41 -7.42
N VAL D 18 11.25 -14.93 -8.61
CA VAL D 18 11.12 -14.08 -9.79
C VAL D 18 9.91 -13.12 -9.76
N SER D 19 8.78 -13.54 -9.31
CA SER D 19 7.66 -12.58 -9.17
C SER D 19 7.91 -11.43 -8.24
N THR D 20 8.39 -11.79 -7.07
CA THR D 20 8.67 -10.89 -6.05
C THR D 20 9.68 -9.83 -6.47
N SER D 21 10.70 -10.28 -7.16
CA SER D 21 11.68 -9.41 -7.74
C SER D 21 11.05 -8.44 -8.72
N LEU D 22 10.16 -8.91 -9.55
CA LEU D 22 9.57 -8.02 -10.52
C LEU D 22 8.67 -7.01 -9.86
N LYS D 23 7.87 -7.49 -8.90
CA LYS D 23 6.92 -6.67 -8.22
C LYS D 23 7.69 -5.52 -7.56
N VAL D 24 8.77 -5.87 -6.88
CA VAL D 24 9.55 -4.93 -6.16
C VAL D 24 10.20 -3.90 -7.04
N LYS D 25 10.73 -4.29 -8.18
CA LYS D 25 11.22 -3.29 -9.14
C LYS D 25 10.10 -2.39 -9.62
N ASP D 26 8.98 -2.99 -10.03
CA ASP D 26 7.94 -2.21 -10.63
C ASP D 26 7.39 -1.19 -9.67
N ASP D 27 7.15 -1.61 -8.44
CA ASP D 27 6.55 -0.76 -7.51
C ASP D 27 7.49 0.40 -7.16
N LEU D 28 8.79 0.18 -7.17
CA LEU D 28 9.65 1.29 -6.81
C LEU D 28 9.63 2.32 -7.93
N LYS D 29 9.60 1.84 -9.17
CA LYS D 29 9.44 2.66 -10.33
C LYS D 29 8.17 3.49 -10.25
N LYS D 30 7.02 2.87 -10.01
CA LYS D 30 5.78 3.64 -9.87
C LYS D 30 5.95 4.74 -8.82
N MET D 31 6.59 4.44 -7.70
CA MET D 31 6.66 5.39 -6.64
C MET D 31 7.59 6.56 -7.01
N PHE D 32 8.71 6.30 -7.69
CA PHE D 32 9.47 7.40 -8.18
C PHE D 32 8.58 8.26 -9.09
N LYS D 33 7.82 7.64 -9.98
CA LYS D 33 7.10 8.38 -11.01
C LYS D 33 5.95 9.17 -10.43
N GLN D 34 5.20 8.56 -9.55
CA GLN D 34 4.07 9.18 -8.85
C GLN D 34 4.50 10.43 -8.03
N ASN D 35 5.79 10.55 -7.73
CA ASN D 35 6.33 11.62 -6.92
C ASN D 35 7.30 12.47 -7.73
N GLY D 36 7.15 12.46 -9.04
CA GLY D 36 7.94 13.38 -9.86
C GLY D 36 9.13 12.88 -10.64
N TYR D 37 9.66 11.70 -10.37
CA TYR D 37 10.90 11.31 -11.07
C TYR D 37 10.74 10.12 -12.00
N ASP D 38 11.18 10.30 -13.26
CA ASP D 38 11.20 9.22 -14.24
C ASP D 38 12.49 8.48 -14.15
N ILE D 39 12.50 7.47 -13.33
CA ILE D 39 13.69 6.75 -13.00
C ILE D 39 13.20 5.31 -12.96
N THR D 40 13.99 4.42 -13.51
CA THR D 40 13.74 3.00 -13.36
C THR D 40 14.54 2.58 -12.16
N THR D 41 14.19 1.42 -11.70
CA THR D 41 14.93 0.81 -10.64
C THR D 41 16.39 0.60 -11.03
N ASP D 42 16.64 0.26 -12.30
CA ASP D 42 18.03 0.09 -12.81
C ASP D 42 18.80 1.43 -12.74
N HIS D 43 18.14 2.48 -13.20
CA HIS D 43 18.75 3.79 -13.18
C HIS D 43 19.18 4.06 -11.78
N TYR D 44 18.23 3.89 -10.86
CA TYR D 44 18.49 4.20 -9.44
C TYR D 44 19.62 3.29 -8.93
N ALA D 45 19.63 2.04 -9.32
CA ALA D 45 20.66 1.13 -8.83
C ALA D 45 22.02 1.58 -9.28
N LEU D 46 22.06 2.06 -10.53
CA LEU D 46 23.31 2.63 -11.09
C LEU D 46 23.72 3.98 -10.47
N LEU D 47 22.78 4.91 -10.35
CA LEU D 47 23.02 6.12 -9.56
C LEU D 47 23.61 5.78 -8.23
N ARG D 48 23.09 4.78 -7.57
CA ARG D 48 23.66 4.50 -6.25
C ARG D 48 25.12 4.14 -6.20
N PHE D 49 25.56 3.46 -7.26
CA PHE D 49 26.95 3.11 -7.40
C PHE D 49 27.75 4.36 -7.72
N LEU D 50 27.17 5.26 -8.50
CA LEU D 50 27.88 6.50 -8.80
C LEU D 50 27.97 7.39 -7.57
N TRP D 51 26.90 7.55 -6.79
CA TRP D 51 27.04 8.32 -5.58
C TRP D 51 28.07 7.72 -4.63
N GLU D 52 28.32 6.43 -4.60
CA GLU D 52 29.42 5.96 -3.72
C GLU D 52 30.79 6.22 -4.39
N GLN D 53 30.85 6.18 -5.71
CA GLN D 53 32.11 6.23 -6.41
C GLN D 53 31.96 6.91 -7.77
N ASP D 54 31.94 8.23 -7.76
CA ASP D 54 31.70 9.00 -8.98
C ASP D 54 32.99 8.88 -9.78
N GLY D 55 32.90 8.61 -11.08
CA GLY D 55 34.09 8.39 -11.90
C GLY D 55 34.62 6.97 -11.94
N ILE D 56 33.71 6.02 -11.86
CA ILE D 56 34.01 4.62 -11.87
C ILE D 56 34.15 4.13 -13.33
N SER D 57 35.11 3.24 -13.58
CA SER D 57 35.28 2.65 -14.90
C SER D 57 34.02 1.94 -15.32
N GLN D 58 33.69 1.99 -16.61
CA GLN D 58 32.55 1.25 -17.14
C GLN D 58 32.75 -0.23 -16.93
N ILE D 59 34.00 -0.65 -16.91
CA ILE D 59 34.33 -2.03 -16.60
C ILE D 59 33.97 -2.41 -15.16
N ASP D 60 34.30 -1.56 -14.19
CA ASP D 60 33.99 -1.90 -12.81
C ASP D 60 32.50 -1.76 -12.53
N LEU D 61 31.78 -1.10 -13.43
CA LEU D 61 30.34 -1.04 -13.39
C LEU D 61 29.65 -2.24 -14.07
N CYS D 62 30.32 -3.01 -14.92
CA CYS D 62 29.70 -4.22 -15.41
C CYS D 62 29.71 -5.07 -14.20
N GLU D 63 30.89 -5.20 -13.62
CA GLU D 63 31.10 -6.07 -12.49
C GLU D 63 30.14 -5.83 -11.35
N LYS D 64 29.71 -4.60 -11.16
CA LYS D 64 28.93 -4.28 -9.98
C LYS D 64 27.48 -4.48 -10.27
N SER D 65 27.05 -3.87 -11.35
CA SER D 65 25.77 -4.16 -12.03
C SER D 65 25.54 -5.66 -12.06
N CYS D 66 24.33 -6.06 -11.75
CA CYS D 66 23.97 -7.47 -11.78
C CYS D 66 23.57 -7.84 -13.21
N LYS D 67 24.24 -7.22 -14.17
CA LYS D 67 23.75 -7.20 -15.51
C LYS D 67 25.02 -7.30 -16.33
N ASP D 68 24.89 -7.90 -17.52
CA ASP D 68 26.00 -8.07 -18.50
C ASP D 68 26.35 -6.70 -19.12
N LYS D 69 27.18 -6.70 -20.17
CA LYS D 69 27.66 -5.44 -20.75
C LYS D 69 26.63 -4.72 -21.64
N SER D 70 26.10 -5.37 -22.68
CA SER D 70 25.30 -4.60 -23.64
C SER D 70 23.97 -4.07 -23.06
N ASN D 71 23.49 -4.72 -22.01
CA ASN D 71 22.33 -4.23 -21.24
C ASN D 71 22.75 -3.09 -20.35
N THR D 72 23.75 -3.33 -19.49
CA THR D 72 24.27 -2.27 -18.67
C THR D 72 24.52 -1.03 -19.57
N THR D 73 25.31 -1.21 -20.62
CA THR D 73 25.72 -0.11 -21.49
C THR D 73 24.53 0.56 -22.14
N ARG D 74 23.58 -0.22 -22.62
CA ARG D 74 22.36 0.36 -23.17
C ARG D 74 21.66 1.19 -22.08
N ILE D 75 21.73 0.71 -20.84
CA ILE D 75 21.07 1.37 -19.71
C ILE D 75 21.80 2.71 -19.55
N LEU D 76 23.13 2.64 -19.48
CA LEU D 76 23.95 3.83 -19.41
C LEU D 76 23.59 4.88 -20.49
N ASP D 77 23.34 4.43 -21.71
CA ASP D 77 23.05 5.35 -22.81
C ASP D 77 21.77 6.09 -22.51
N VAL D 78 20.80 5.37 -21.98
CA VAL D 78 19.51 5.98 -21.72
C VAL D 78 19.71 7.03 -20.64
N MET D 79 20.74 6.81 -19.82
CA MET D 79 20.99 7.68 -18.69
C MET D 79 21.75 8.93 -19.18
N LYS D 80 22.74 8.74 -20.05
CA LYS D 80 23.35 9.82 -20.83
C LYS D 80 22.26 10.73 -21.34
N ASN D 81 21.25 10.13 -21.94
CA ASN D 81 20.23 10.89 -22.63
C ASN D 81 19.19 11.45 -21.74
N LYS D 82 19.12 10.97 -20.51
CA LYS D 82 18.18 11.56 -19.55
C LYS D 82 18.83 12.76 -18.81
N GLY D 83 20.16 12.84 -18.89
CA GLY D 83 20.93 13.95 -18.34
C GLY D 83 21.57 13.68 -17.00
N LEU D 84 21.73 12.38 -16.67
CA LEU D 84 22.08 11.94 -15.32
C LEU D 84 23.55 11.65 -15.24
N ILE D 85 24.09 11.11 -16.31
CA ILE D 85 25.53 10.85 -16.35
C ILE D 85 26.23 11.32 -17.64
N VAL D 86 27.51 11.07 -17.64
CA VAL D 86 28.28 11.44 -18.79
C VAL D 86 29.42 10.42 -18.88
N ARG D 87 29.76 10.07 -20.12
CA ARG D 87 30.82 9.11 -20.45
C ARG D 87 32.00 9.93 -20.93
N LYS D 88 33.12 9.85 -20.19
CA LYS D 88 34.40 10.35 -20.65
C LYS D 88 35.30 9.16 -21.01
N VAL D 89 36.16 9.33 -22.03
CA VAL D 89 37.19 8.33 -22.35
C VAL D 89 38.38 8.69 -21.45
N ASP D 90 38.85 7.74 -20.64
CA ASP D 90 39.91 8.04 -19.68
C ASP D 90 41.30 7.86 -20.31
N VAL D 91 42.31 8.18 -19.52
CA VAL D 91 43.69 8.19 -19.96
C VAL D 91 44.20 6.81 -20.33
N LYS D 92 43.84 5.83 -19.53
CA LYS D 92 44.18 4.50 -19.92
C LYS D 92 43.12 4.14 -20.91
N ASP D 93 43.55 3.94 -22.13
CA ASP D 93 42.76 3.31 -23.15
C ASP D 93 41.96 4.26 -24.00
N ARG D 94 42.00 3.97 -25.29
CA ARG D 94 41.17 4.54 -26.32
C ARG D 94 39.74 4.15 -26.01
N ARG D 95 39.62 2.94 -25.50
CA ARG D 95 38.34 2.27 -25.35
C ARG D 95 37.95 2.00 -23.90
N LYS D 96 38.42 2.82 -22.96
CA LYS D 96 37.98 2.60 -21.61
C LYS D 96 37.18 3.83 -21.32
N PHE D 97 36.04 3.69 -20.66
CA PHE D 97 35.32 4.89 -20.28
C PHE D 97 35.24 4.93 -18.76
N GLN D 98 35.24 6.15 -18.21
CA GLN D 98 34.82 6.44 -16.83
C GLN D 98 33.43 7.07 -16.86
N ILE D 99 32.66 6.89 -15.77
CA ILE D 99 31.31 7.46 -15.75
C ILE D 99 31.19 8.50 -14.68
N PHE D 100 30.60 9.64 -15.03
CA PHE D 100 30.47 10.64 -14.02
C PHE D 100 29.09 11.14 -14.08
N LEU D 101 28.71 11.63 -12.92
CA LEU D 101 27.40 12.21 -12.76
C LEU D 101 27.36 13.61 -13.32
N THR D 102 26.27 13.94 -14.01
CA THR D 102 25.96 15.33 -14.25
C THR D 102 25.54 15.99 -12.92
N ASP D 103 25.06 17.23 -12.98
CA ASP D 103 24.69 17.95 -11.79
C ASP D 103 23.37 17.44 -11.29
N LEU D 104 22.48 17.13 -12.24
CA LEU D 104 21.18 16.57 -11.97
C LEU D 104 21.36 15.23 -11.27
N GLY D 105 22.26 14.40 -11.79
CA GLY D 105 22.67 13.15 -11.17
C GLY D 105 23.05 13.22 -9.71
N ARG D 106 23.81 14.26 -9.34
CA ARG D 106 24.30 14.44 -7.96
C ARG D 106 23.16 14.97 -7.11
N GLU D 107 22.30 15.76 -7.77
CA GLU D 107 21.25 16.52 -7.07
C GLU D 107 20.21 15.52 -6.58
N LEU D 108 19.98 14.47 -7.38
CA LEU D 108 18.94 13.49 -7.10
C LEU D 108 19.24 12.53 -5.93
N GLU D 109 20.47 12.46 -5.45
CA GLU D 109 20.80 11.58 -4.35
C GLU D 109 19.80 11.74 -3.19
N GLU D 110 19.67 12.94 -2.69
CA GLU D 110 18.83 13.17 -1.51
C GLU D 110 17.37 12.77 -1.72
N PRO D 111 16.71 13.29 -2.75
CA PRO D 111 15.31 13.06 -2.89
C PRO D 111 14.98 11.62 -3.27
N LEU D 112 15.77 11.02 -4.14
CA LEU D 112 15.62 9.63 -4.54
C LEU D 112 15.89 8.68 -3.37
N ASN D 113 16.92 8.92 -2.58
CA ASN D 113 17.09 8.07 -1.41
C ASN D 113 15.94 8.19 -0.42
N GLU D 114 15.42 9.40 -0.29
CA GLU D 114 14.35 9.60 0.63
C GLU D 114 13.16 8.67 0.19
N ILE D 115 12.80 8.68 -1.08
CA ILE D 115 11.72 7.87 -1.56
C ILE D 115 12.00 6.37 -1.42
N ALA D 116 13.18 5.95 -1.80
CA ALA D 116 13.52 4.55 -1.83
C ALA D 116 13.49 4.04 -0.41
N SER D 117 13.87 4.89 0.51
CA SER D 117 13.92 4.44 1.88
C SER D 117 12.55 4.23 2.46
N ILE D 118 11.64 5.12 2.16
CA ILE D 118 10.27 4.95 2.58
C ILE D 118 9.70 3.70 1.89
N TYR D 119 9.98 3.55 0.60
CA TYR D 119 9.52 2.39 -0.14
C TYR D 119 10.03 1.08 0.51
N ALA D 120 11.28 1.06 0.87
CA ALA D 120 11.90 -0.14 1.41
C ALA D 120 11.25 -0.54 2.70
N THR D 121 11.14 0.41 3.59
CA THR D 121 10.50 0.22 4.88
C THR D 121 9.10 -0.34 4.80
N GLU D 122 8.32 0.19 3.90
CA GLU D 122 7.01 -0.32 3.62
C GLU D 122 7.10 -1.75 3.02
N THR D 123 7.90 -1.95 1.99
CA THR D 123 8.09 -3.25 1.40
C THR D 123 8.46 -4.39 2.39
N PHE D 124 9.17 -4.08 3.45
CA PHE D 124 9.74 -5.07 4.35
C PHE D 124 9.10 -4.95 5.72
N LYS D 125 7.99 -4.22 5.85
CA LYS D 125 7.39 -3.99 7.19
C LYS D 125 6.89 -5.24 7.96
N SER D 126 6.43 -6.26 7.23
CA SER D 126 6.05 -7.56 7.81
C SER D 126 7.21 -8.51 7.94
N ILE D 127 8.45 -8.06 7.86
CA ILE D 127 9.59 -8.95 7.93
C ILE D 127 10.40 -8.50 9.12
N SER D 128 10.71 -9.43 9.98
CA SER D 128 11.26 -9.09 11.26
C SER D 128 12.73 -8.90 11.00
N ASP D 129 13.45 -8.31 11.94
CA ASP D 129 14.88 -8.04 11.79
C ASP D 129 15.67 -9.30 11.82
N GLU D 130 15.17 -10.29 12.56
CA GLU D 130 15.84 -11.57 12.67
C GLU D 130 15.73 -12.31 11.31
N GLU D 131 14.59 -12.20 10.63
CA GLU D 131 14.39 -12.89 9.37
C GLU D 131 15.30 -12.33 8.28
N LEU D 132 15.60 -11.05 8.35
CA LEU D 132 16.32 -10.41 7.23
C LEU D 132 17.58 -11.11 6.84
N PRO D 133 18.50 -11.33 7.78
CA PRO D 133 19.71 -12.07 7.41
C PRO D 133 19.51 -13.57 7.08
N LEU D 134 18.47 -14.22 7.59
CA LEU D 134 18.24 -15.61 7.15
C LEU D 134 17.97 -15.56 5.67
N PHE D 135 17.10 -14.64 5.27
CA PHE D 135 16.68 -14.41 3.86
C PHE D 135 17.88 -14.14 2.94
N THR D 136 18.68 -13.21 3.34
CA THR D 136 19.85 -12.79 2.59
C THR D 136 20.91 -13.89 2.45
N ASP D 137 21.07 -14.67 3.51
CA ASP D 137 22.03 -15.75 3.41
C ASP D 137 21.51 -16.86 2.49
N ILE D 138 20.21 -17.09 2.49
CA ILE D 138 19.69 -18.04 1.54
C ILE D 138 19.87 -17.49 0.11
N LEU D 139 19.67 -16.19 -0.09
CA LEU D 139 19.79 -15.65 -1.46
C LEU D 139 21.19 -15.86 -1.97
N ASP D 140 22.17 -15.65 -1.08
CA ASP D 140 23.59 -15.72 -1.43
C ASP D 140 24.01 -17.14 -1.75
N ARG D 141 23.31 -18.13 -1.25
CA ARG D 141 23.65 -19.49 -1.59
C ARG D 141 22.94 -20.04 -2.84
N ILE D 142 21.96 -19.31 -3.39
CA ILE D 142 21.26 -19.70 -4.64
C ILE D 142 22.13 -19.44 -5.84
N GLY D 143 22.36 -20.47 -6.65
CA GLY D 143 23.39 -20.44 -7.69
C GLY D 143 24.17 -21.73 -7.81
HG HG E . -10.81 -7.14 15.50
HG HG F . -18.16 2.40 12.90
HG HG G . -7.52 24.42 22.41
HG HG H . -8.73 16.93 12.66
HG HG I . -2.58 -8.55 -18.25
HG HG J . 8.53 -16.23 -14.52
HG HG K . 19.90 -4.65 -9.90
HG HG L . 29.71 -6.06 -18.27
#